data_5POQ
#
_entry.id   5POQ
#
_cell.length_a   56.560
_cell.length_b   56.610
_cell.length_c   101.550
_cell.angle_alpha   90.000
_cell.angle_beta   90.000
_cell.angle_gamma   90.000
#
_symmetry.space_group_name_H-M   'P 21 21 21'
#
loop_
_entity.id
_entity.type
_entity.pdbx_description
1 polymer 'Bromodomain-containing protein 1'
2 non-polymer 1,2-ETHANEDIOL
3 non-polymer 1-[4-(methylsulfonyl)piperazin-1-yl]ethan-1-one
4 non-polymer 'SODIUM ION'
5 water water
#
_entity_poly.entity_id   1
_entity_poly.type   'polypeptide(L)'
_entity_poly.pdbx_seq_one_letter_code
;MHHHHHHSSGVDLGTENLYFQSMEQVAMELRLTELTRLLRSVLDQLQDKDPARIFAQPVSLKEVPDYLDHIKHPMDFATM
RKRLEAQGYKNLHEFEEDFDLIIDNCMKYNARDTVFYRAAVRLRDQGGVVLRQARREVDSIGLEEASGMHLPERPA
;
_entity_poly.pdbx_strand_id   A,B
#
# COMPACT_ATOMS: atom_id res chain seq x y z
N SER A 22 22.01 19.20 -24.19
CA SER A 22 20.89 20.02 -24.65
C SER A 22 20.37 20.96 -23.54
N MET A 23 19.84 22.11 -23.96
CA MET A 23 19.23 23.09 -23.06
CA MET A 23 19.29 23.08 -23.00
C MET A 23 18.05 22.48 -22.31
N GLU A 24 17.34 21.59 -22.98
CA GLU A 24 16.20 20.91 -22.38
CA GLU A 24 16.22 20.89 -22.38
C GLU A 24 16.67 20.06 -21.19
N GLN A 25 17.70 19.21 -21.32
CA GLN A 25 17.91 18.40 -20.11
C GLN A 25 18.43 19.12 -18.85
N VAL A 26 19.10 20.26 -19.06
CA VAL A 26 19.74 20.92 -17.93
C VAL A 26 18.71 21.69 -17.11
N ALA A 27 17.81 22.41 -17.78
CA ALA A 27 16.68 23.11 -17.13
C ALA A 27 15.81 22.09 -16.37
N MET A 28 15.64 20.94 -16.99
CA MET A 28 14.93 19.80 -16.42
C MET A 28 15.65 19.33 -15.15
N GLU A 29 16.94 19.03 -15.34
N GLU A 29 16.95 19.07 -15.25
CA GLU A 29 17.86 18.71 -14.27
CA GLU A 29 17.65 18.60 -14.08
C GLU A 29 17.73 19.70 -13.13
C GLU A 29 18.07 19.76 -13.18
N LEU A 30 17.61 20.96 -13.49
CA LEU A 30 17.60 22.06 -12.52
C LEU A 30 16.30 21.97 -11.68
N ARG A 31 15.28 21.37 -12.29
CA ARG A 31 14.02 21.08 -11.60
C ARG A 31 14.14 19.81 -10.76
N LEU A 32 14.52 18.69 -11.37
CA LEU A 32 14.77 17.45 -10.64
C LEU A 32 15.75 17.65 -9.50
N THR A 33 16.75 18.51 -9.73
CA THR A 33 17.71 18.83 -8.68
C THR A 33 17.09 19.68 -7.60
N GLU A 34 16.16 20.56 -7.96
CA GLU A 34 15.59 21.40 -6.92
C GLU A 34 14.23 20.86 -6.42
N LEU A 35 13.67 19.87 -7.10
CA LEU A 35 12.70 18.99 -6.44
C LEU A 35 13.42 18.33 -5.28
N THR A 36 14.62 17.81 -5.57
CA THR A 36 15.48 17.23 -4.56
C THR A 36 15.70 18.18 -3.40
N ARG A 37 15.87 19.45 -3.72
CA ARG A 37 16.17 20.45 -2.71
C ARG A 37 14.98 20.68 -1.79
N LEU A 38 13.79 20.65 -2.37
CA LEU A 38 12.56 20.80 -1.59
C LEU A 38 12.34 19.59 -0.68
N LEU A 39 12.49 18.40 -1.24
CA LEU A 39 12.18 17.18 -0.54
C LEU A 39 13.16 16.91 0.62
N ARG A 40 14.42 17.29 0.44
CA ARG A 40 15.36 17.24 1.54
C ARG A 40 14.87 18.07 2.71
N SER A 41 14.25 19.21 2.41
CA SER A 41 13.78 20.11 3.45
C SER A 41 12.63 19.47 4.24
N VAL A 42 11.63 19.04 3.49
CA VAL A 42 10.52 18.20 3.97
C VAL A 42 10.97 17.01 4.84
N LEU A 43 12.02 16.33 4.41
CA LEU A 43 12.46 15.09 5.02
C LEU A 43 13.01 15.37 6.41
N ASP A 44 13.79 16.45 6.51
CA ASP A 44 14.33 16.91 7.78
C ASP A 44 13.24 17.34 8.74
N GLN A 45 12.19 17.94 8.21
CA GLN A 45 11.03 18.27 9.05
C GLN A 45 10.24 17.03 9.48
N LEU A 46 10.10 16.07 8.58
CA LEU A 46 9.44 14.82 8.94
C LEU A 46 10.24 14.15 10.06
N GLN A 47 11.56 14.10 9.91
CA GLN A 47 12.36 13.38 10.88
C GLN A 47 12.38 14.05 12.25
N ASP A 48 12.20 15.38 12.30
CA ASP A 48 12.16 16.06 13.60
C ASP A 48 10.91 15.64 14.38
N LYS A 49 9.89 15.17 13.67
CA LYS A 49 8.71 14.65 14.32
C LYS A 49 8.95 13.24 14.90
N ASP A 50 10.18 12.71 14.73
CA ASP A 50 10.58 11.41 15.31
C ASP A 50 11.76 11.60 16.30
N PRO A 51 11.52 12.31 17.42
CA PRO A 51 12.62 12.64 18.34
C PRO A 51 13.34 11.41 18.93
N ALA A 52 12.57 10.36 19.21
CA ALA A 52 13.18 9.13 19.73
C ALA A 52 14.01 8.38 18.68
N ARG A 53 13.92 8.81 17.42
CA ARG A 53 14.68 8.21 16.33
C ARG A 53 14.36 6.73 16.09
N ILE A 54 13.09 6.41 16.30
CA ILE A 54 12.60 5.05 16.15
C ILE A 54 12.60 4.63 14.67
N PHE A 55 12.39 5.62 13.79
CA PHE A 55 12.33 5.34 12.35
C PHE A 55 13.60 5.75 11.58
N ALA A 56 14.66 6.09 12.30
CA ALA A 56 15.85 6.67 11.69
C ALA A 56 16.63 5.68 10.84
N GLN A 57 16.58 4.41 11.24
CA GLN A 57 17.40 3.37 10.62
C GLN A 57 16.59 2.14 10.30
N PRO A 58 17.02 1.39 9.29
CA PRO A 58 16.26 0.17 9.00
C PRO A 58 16.14 -0.74 10.23
N VAL A 59 15.00 -1.42 10.36
CA VAL A 59 14.85 -2.46 11.38
C VAL A 59 16.00 -3.46 11.22
N SER A 60 16.79 -3.62 12.28
CA SER A 60 17.86 -4.62 12.37
C SER A 60 17.42 -6.06 12.07
N LEU A 61 17.94 -6.65 11.00
CA LEU A 61 17.57 -8.03 10.70
C LEU A 61 18.35 -9.00 11.61
N LYS A 62 19.37 -8.50 12.28
CA LYS A 62 20.07 -9.30 13.27
C LYS A 62 19.22 -9.40 14.52
N GLU A 63 18.54 -8.31 14.87
CA GLU A 63 17.75 -8.25 16.11
C GLU A 63 16.30 -8.72 15.90
N VAL A 64 15.83 -8.66 14.65
CA VAL A 64 14.51 -9.17 14.29
C VAL A 64 14.63 -10.00 13.03
N PRO A 65 15.17 -11.21 13.17
CA PRO A 65 15.49 -12.01 11.97
C PRO A 65 14.26 -12.43 11.17
N ASP A 66 13.08 -12.45 11.78
CA ASP A 66 11.91 -12.90 11.02
C ASP A 66 11.18 -11.68 10.42
N TYR A 67 11.86 -10.54 10.38
CA TYR A 67 11.15 -9.29 10.07
C TYR A 67 10.57 -9.36 8.67
N LEU A 68 11.38 -9.84 7.74
CA LEU A 68 11.00 -9.86 6.32
C LEU A 68 9.88 -10.85 6.03
N ASP A 69 9.59 -11.75 6.98
CA ASP A 69 8.47 -12.68 6.85
C ASP A 69 7.17 -11.92 7.08
N HIS A 70 7.31 -10.74 7.70
CA HIS A 70 6.20 -9.87 8.04
C HIS A 70 6.04 -8.70 7.11
N ILE A 71 7.14 -7.99 6.91
CA ILE A 71 7.13 -6.76 6.16
C ILE A 71 7.90 -7.01 4.86
N LYS A 72 7.20 -6.87 3.74
CA LYS A 72 7.82 -7.18 2.45
C LYS A 72 8.55 -5.99 1.86
N HIS A 73 8.18 -4.77 2.26
CA HIS A 73 8.92 -3.58 1.78
C HIS A 73 9.37 -2.64 2.89
N PRO A 74 10.47 -2.99 3.55
CA PRO A 74 10.94 -2.21 4.70
C PRO A 74 11.34 -0.83 4.24
N MET A 75 11.29 0.13 5.17
CA MET A 75 11.64 1.50 4.86
C MET A 75 12.01 2.22 6.16
N ASP A 76 12.86 3.23 6.03
CA ASP A 76 13.28 4.05 7.16
C ASP A 76 13.79 5.36 6.58
N PHE A 77 14.14 6.31 7.44
CA PHE A 77 14.58 7.65 7.04
C PHE A 77 15.96 7.67 6.40
N ALA A 78 16.87 6.84 6.90
CA ALA A 78 18.19 6.71 6.32
C ALA A 78 18.09 6.29 4.86
N THR A 79 17.28 5.28 4.60
CA THR A 79 17.12 4.72 3.27
C THR A 79 16.48 5.73 2.31
N MET A 80 15.50 6.50 2.80
CA MET A 80 14.90 7.58 2.01
C MET A 80 15.94 8.62 1.62
N ARG A 81 16.81 8.96 2.59
CA ARG A 81 17.85 9.98 2.41
C ARG A 81 18.86 9.57 1.32
N LYS A 82 19.32 8.32 1.34
CA LYS A 82 20.18 7.83 0.28
C LYS A 82 19.49 7.95 -1.09
N ARG A 83 18.22 7.54 -1.18
CA ARG A 83 17.50 7.68 -2.46
C ARG A 83 17.32 9.17 -2.86
N LEU A 84 17.00 10.00 -1.87
CA LEU A 84 16.92 11.44 -2.03
C LEU A 84 18.18 12.08 -2.62
N GLU A 85 19.33 11.69 -2.10
CA GLU A 85 20.58 12.26 -2.56
C GLU A 85 20.96 11.62 -3.90
N ALA A 86 20.50 10.40 -4.15
CA ALA A 86 20.67 9.77 -5.47
C ALA A 86 19.70 10.38 -6.51
N GLN A 87 19.02 11.46 -6.13
CA GLN A 87 17.98 12.08 -6.94
C GLN A 87 17.02 11.03 -7.47
N GLY A 88 16.62 10.14 -6.55
CA GLY A 88 15.81 9.00 -6.89
C GLY A 88 14.30 9.23 -6.82
N TYR A 89 13.86 10.36 -6.26
CA TYR A 89 12.42 10.64 -6.27
C TYR A 89 12.08 11.57 -7.43
N LYS A 90 11.31 11.07 -8.39
CA LYS A 90 11.02 11.84 -9.60
C LYS A 90 9.84 12.79 -9.39
N ASN A 91 9.12 12.61 -8.28
CA ASN A 91 8.01 13.50 -7.86
C ASN A 91 7.70 13.37 -6.36
N LEU A 92 6.79 14.20 -5.81
CA LEU A 92 6.42 14.11 -4.39
C LEU A 92 5.61 12.85 -4.06
N HIS A 93 4.92 12.30 -5.05
CA HIS A 93 4.16 11.07 -4.83
C HIS A 93 5.08 9.94 -4.39
N GLU A 94 6.13 9.68 -5.17
CA GLU A 94 7.04 8.59 -4.86
C GLU A 94 7.59 8.73 -3.43
N PHE A 95 8.02 9.93 -3.08
CA PHE A 95 8.47 10.29 -1.73
C PHE A 95 7.48 9.96 -0.62
N GLU A 96 6.22 10.35 -0.82
CA GLU A 96 5.18 10.11 0.17
C GLU A 96 4.88 8.64 0.31
N GLU A 97 5.01 7.91 -0.80
N GLU A 97 5.02 7.89 -0.78
CA GLU A 97 4.83 6.47 -0.76
CA GLU A 97 4.78 6.46 -0.71
C GLU A 97 5.80 5.86 0.26
C GLU A 97 5.82 5.80 0.21
N ASP A 98 7.05 6.33 0.20
CA ASP A 98 8.10 5.81 1.07
C ASP A 98 7.82 6.20 2.52
N PHE A 99 7.29 7.40 2.74
CA PHE A 99 6.96 7.88 4.08
C PHE A 99 5.86 7.00 4.67
N ASP A 100 4.84 6.75 3.86
CA ASP A 100 3.74 5.89 4.22
C ASP A 100 4.19 4.48 4.61
N LEU A 101 5.16 3.91 3.86
CA LEU A 101 5.71 2.58 4.17
C LEU A 101 6.26 2.53 5.59
N ILE A 102 6.95 3.59 5.97
CA ILE A 102 7.56 3.65 7.30
C ILE A 102 6.46 3.52 8.36
N ILE A 103 5.37 4.26 8.18
CA ILE A 103 4.25 4.26 9.11
CA ILE A 103 4.27 4.26 9.14
C ILE A 103 3.46 2.95 9.06
N ASP A 104 3.06 2.55 7.86
CA ASP A 104 2.17 1.40 7.74
C ASP A 104 2.87 0.10 8.18
N ASN A 105 4.13 -0.09 7.79
CA ASN A 105 4.92 -1.24 8.26
C ASN A 105 4.86 -1.36 9.78
N CYS A 106 5.04 -0.22 10.42
CA CYS A 106 5.17 -0.17 11.86
C CYS A 106 3.86 -0.50 12.57
N MET A 107 2.76 -0.10 11.94
CA MET A 107 1.46 -0.28 12.55
C MET A 107 0.95 -1.71 12.28
N LYS A 108 1.60 -2.46 11.36
CA LYS A 108 1.29 -3.88 11.21
CA LYS A 108 1.28 -3.89 11.20
C LYS A 108 2.20 -4.69 12.11
N TYR A 109 3.50 -4.43 12.04
CA TYR A 109 4.43 -5.24 12.79
C TYR A 109 4.23 -5.12 14.29
N ASN A 110 3.96 -3.91 14.77
CA ASN A 110 3.82 -3.67 16.20
C ASN A 110 2.37 -3.56 16.65
N ALA A 111 2.07 -4.16 17.80
CA ALA A 111 0.74 -4.06 18.41
C ALA A 111 0.36 -2.64 18.77
N ARG A 112 -0.94 -2.39 18.86
CA ARG A 112 -1.49 -1.07 19.09
C ARG A 112 -0.98 -0.36 20.34
N ASP A 113 -0.75 -1.11 21.41
CA ASP A 113 -0.38 -0.49 22.67
C ASP A 113 1.13 -0.51 22.90
N THR A 114 1.92 -0.40 21.84
CA THR A 114 3.36 -0.40 21.99
C THR A 114 3.89 0.98 21.73
N VAL A 115 5.07 1.29 22.28
CA VAL A 115 5.67 2.60 22.07
C VAL A 115 5.94 2.77 20.58
N PHE A 116 6.15 1.67 19.88
CA PHE A 116 6.42 1.72 18.46
C PHE A 116 5.19 2.16 17.66
N TYR A 117 4.09 1.46 17.84
CA TYR A 117 2.86 1.81 17.14
C TYR A 117 2.49 3.27 17.40
N ARG A 118 2.56 3.70 18.66
CA ARG A 118 2.10 5.05 19.05
C ARG A 118 3.02 6.12 18.46
N ALA A 119 4.30 5.81 18.40
CA ALA A 119 5.24 6.64 17.69
C ALA A 119 4.87 6.82 16.20
N ALA A 120 4.39 5.78 15.53
CA ALA A 120 4.05 5.92 14.09
C ALA A 120 2.77 6.77 13.94
N VAL A 121 1.83 6.61 14.86
CA VAL A 121 0.60 7.41 14.82
C VAL A 121 0.90 8.92 14.92
N ARG A 122 1.76 9.26 15.87
CA ARG A 122 2.18 10.64 16.08
C ARG A 122 2.89 11.23 14.86
N LEU A 123 3.91 10.53 14.36
CA LEU A 123 4.61 10.89 13.11
C LEU A 123 3.65 11.11 11.94
N ARG A 124 2.73 10.17 11.74
CA ARG A 124 1.70 10.29 10.70
CA ARG A 124 1.74 10.33 10.69
C ARG A 124 0.89 11.58 10.91
N ASP A 125 0.34 11.76 12.11
CA ASP A 125 -0.51 12.94 12.36
C ASP A 125 0.28 14.28 12.24
N GLN A 126 1.37 14.39 13.00
CA GLN A 126 2.24 15.57 12.94
C GLN A 126 2.89 15.80 11.55
N GLY A 127 3.04 14.73 10.77
CA GLY A 127 3.65 14.88 9.46
C GLY A 127 2.70 15.47 8.43
N GLY A 128 1.40 15.28 8.65
CA GLY A 128 0.41 15.58 7.64
C GLY A 128 0.33 17.04 7.22
N VAL A 129 0.61 17.94 8.15
CA VAL A 129 0.60 19.36 7.84
C VAL A 129 1.82 19.72 6.98
N VAL A 130 2.97 19.14 7.30
CA VAL A 130 4.18 19.35 6.49
C VAL A 130 3.98 18.87 5.05
N LEU A 131 3.36 17.70 4.89
CA LEU A 131 3.05 17.18 3.57
C LEU A 131 1.95 18.00 2.92
N ARG A 132 1.02 18.50 3.73
CA ARG A 132 0.01 19.41 3.22
C ARG A 132 0.75 20.59 2.59
N GLN A 133 1.58 21.31 3.37
CA GLN A 133 2.33 22.44 2.72
C GLN A 133 3.05 22.04 1.44
N ALA A 134 3.82 20.97 1.56
CA ALA A 134 4.76 20.56 0.52
C ALA A 134 4.07 20.25 -0.80
N ARG A 135 2.84 19.75 -0.73
CA ARG A 135 2.07 19.48 -1.93
C ARG A 135 1.69 20.80 -2.63
N ARG A 136 1.38 21.81 -1.82
CA ARG A 136 1.05 23.14 -2.34
C ARG A 136 2.26 23.87 -2.96
N GLU A 137 3.46 23.67 -2.43
CA GLU A 137 4.64 24.31 -3.03
C GLU A 137 5.02 23.67 -4.36
N VAL A 138 4.81 22.37 -4.49
CA VAL A 138 5.27 21.64 -5.66
C VAL A 138 4.49 22.02 -6.92
N ASP A 139 3.17 22.01 -6.81
CA ASP A 139 2.32 22.44 -7.91
C ASP A 139 2.54 23.91 -8.22
N SER A 140 2.83 24.67 -7.17
CA SER A 140 3.17 26.08 -7.29
C SER A 140 4.35 26.31 -8.23
N ILE A 141 5.54 25.90 -7.80
CA ILE A 141 6.76 26.14 -8.57
C ILE A 141 6.91 25.19 -9.75
N GLY A 142 5.92 24.32 -9.96
CA GLY A 142 5.97 23.35 -11.03
C GLY A 142 7.19 22.44 -10.99
N SER B 22 -18.99 -0.37 -34.00
CA SER B 22 -17.72 -0.12 -34.66
C SER B 22 -16.76 -1.12 -34.04
N MET B 23 -15.64 -1.42 -34.69
N MET B 23 -15.65 -1.44 -34.69
CA MET B 23 -14.75 -2.45 -34.16
CA MET B 23 -14.74 -2.45 -34.14
C MET B 23 -14.05 -1.99 -32.88
C MET B 23 -14.07 -1.98 -32.84
N GLU B 24 -13.95 -0.67 -32.69
CA GLU B 24 -13.38 -0.13 -31.47
C GLU B 24 -14.31 -0.44 -30.31
N GLN B 25 -15.62 -0.24 -30.48
CA GLN B 25 -16.59 -0.63 -29.45
C GLN B 25 -16.53 -2.13 -29.14
N VAL B 26 -16.50 -2.95 -30.19
CA VAL B 26 -16.47 -4.39 -30.01
C VAL B 26 -15.25 -4.81 -29.18
N ALA B 27 -14.11 -4.24 -29.50
CA ALA B 27 -12.87 -4.60 -28.79
C ALA B 27 -12.97 -4.20 -27.31
N MET B 28 -13.58 -3.04 -27.07
CA MET B 28 -13.69 -2.54 -25.70
C MET B 28 -14.65 -3.39 -24.87
N GLU B 29 -15.76 -3.80 -25.47
CA GLU B 29 -16.71 -4.69 -24.79
C GLU B 29 -16.03 -6.05 -24.50
N LEU B 30 -15.38 -6.62 -25.51
CA LEU B 30 -14.56 -7.81 -25.35
C LEU B 30 -13.51 -7.70 -24.22
N ARG B 31 -12.84 -6.56 -24.11
CA ARG B 31 -11.80 -6.43 -23.06
C ARG B 31 -12.50 -6.36 -21.68
N LEU B 32 -13.64 -5.68 -21.63
CA LEU B 32 -14.46 -5.61 -20.44
C LEU B 32 -14.92 -6.99 -19.96
N THR B 33 -15.47 -7.79 -20.86
CA THR B 33 -16.07 -9.04 -20.43
C THR B 33 -15.02 -10.10 -20.08
N GLU B 34 -13.87 -10.05 -20.74
CA GLU B 34 -12.77 -10.94 -20.39
C GLU B 34 -12.12 -10.57 -19.04
N LEU B 35 -12.04 -9.28 -18.73
CA LEU B 35 -11.59 -8.82 -17.40
C LEU B 35 -12.48 -9.39 -16.32
N THR B 36 -13.78 -9.22 -16.49
CA THR B 36 -14.74 -9.77 -15.54
C THR B 36 -14.57 -11.29 -15.35
N ARG B 37 -14.45 -12.04 -16.44
CA ARG B 37 -14.25 -13.49 -16.36
CA ARG B 37 -14.25 -13.49 -16.34
C ARG B 37 -13.04 -13.80 -15.49
N LEU B 38 -11.92 -13.16 -15.82
CA LEU B 38 -10.66 -13.33 -15.11
C LEU B 38 -10.79 -12.91 -13.66
N LEU B 39 -11.27 -11.68 -13.39
CA LEU B 39 -11.39 -11.23 -12.00
C LEU B 39 -12.32 -12.17 -11.16
N ARG B 40 -13.41 -12.63 -11.76
CA ARG B 40 -14.30 -13.65 -11.16
C ARG B 40 -13.56 -14.93 -10.73
N SER B 41 -12.78 -15.51 -11.65
CA SER B 41 -11.99 -16.71 -11.33
C SER B 41 -10.98 -16.45 -10.22
N VAL B 42 -10.29 -15.30 -10.31
CA VAL B 42 -9.28 -14.92 -9.32
C VAL B 42 -9.91 -14.76 -7.93
N LEU B 43 -11.02 -14.05 -7.86
CA LEU B 43 -11.74 -13.90 -6.60
C LEU B 43 -12.09 -15.27 -6.02
N ASP B 44 -12.58 -16.19 -6.87
N ASP B 44 -12.59 -16.18 -6.86
CA ASP B 44 -12.97 -17.51 -6.38
CA ASP B 44 -12.94 -17.51 -6.36
C ASP B 44 -11.73 -18.26 -5.89
C ASP B 44 -11.69 -18.16 -5.79
N GLN B 45 -10.58 -18.03 -6.49
CA GLN B 45 -9.37 -18.73 -6.04
C GLN B 45 -8.92 -18.20 -4.69
N LEU B 46 -9.17 -16.91 -4.45
CA LEU B 46 -8.76 -16.29 -3.19
C LEU B 46 -9.64 -16.68 -2.05
N GLN B 47 -10.96 -16.54 -2.28
CA GLN B 47 -11.91 -16.89 -1.25
C GLN B 47 -11.81 -18.35 -0.87
N ASP B 48 -11.56 -19.22 -1.85
CA ASP B 48 -11.46 -20.64 -1.55
CA ASP B 48 -11.41 -20.66 -1.61
C ASP B 48 -10.26 -20.99 -0.63
N LYS B 49 -9.42 -20.01 -0.32
CA LYS B 49 -8.27 -20.24 0.53
C LYS B 49 -8.55 -19.77 1.96
N ASP B 50 -9.77 -19.26 2.13
CA ASP B 50 -10.32 -18.79 3.42
C ASP B 50 -11.59 -19.62 3.77
N PRO B 51 -11.42 -20.92 3.96
CA PRO B 51 -12.57 -21.79 4.27
C PRO B 51 -13.13 -21.50 5.66
N ALA B 52 -12.33 -20.87 6.53
CA ALA B 52 -12.84 -20.46 7.86
C ALA B 52 -13.77 -19.26 7.72
N ARG B 53 -13.78 -18.67 6.54
CA ARG B 53 -14.60 -17.49 6.25
CA ARG B 53 -14.59 -17.48 6.25
C ARG B 53 -14.26 -16.33 7.19
N ILE B 54 -12.98 -16.16 7.51
CA ILE B 54 -12.51 -15.05 8.35
C ILE B 54 -12.67 -13.71 7.60
N PHE B 55 -12.48 -13.75 6.29
CA PHE B 55 -12.44 -12.53 5.45
C PHE B 55 -13.64 -12.35 4.52
N ALA B 56 -14.66 -13.19 4.72
CA ALA B 56 -15.79 -13.28 3.78
C ALA B 56 -16.79 -12.12 3.88
N GLN B 57 -16.90 -11.55 5.07
CA GLN B 57 -17.91 -10.54 5.37
C GLN B 57 -17.24 -9.43 6.15
N PRO B 58 -17.85 -8.23 6.13
CA PRO B 58 -17.33 -7.10 6.91
C PRO B 58 -17.11 -7.49 8.36
N VAL B 59 -16.07 -6.97 8.99
CA VAL B 59 -15.87 -7.18 10.41
C VAL B 59 -17.10 -6.60 11.13
N SER B 60 -17.68 -7.37 12.06
CA SER B 60 -18.87 -6.91 12.80
C SER B 60 -18.58 -5.91 13.92
N LEU B 61 -19.26 -4.77 13.88
CA LEU B 61 -19.12 -3.79 14.94
C LEU B 61 -19.83 -4.22 16.24
N LYS B 62 -20.79 -5.14 16.15
CA LYS B 62 -21.42 -5.68 17.36
C LYS B 62 -20.37 -6.50 18.08
N GLU B 63 -19.57 -7.21 17.29
CA GLU B 63 -18.57 -8.10 17.86
C GLU B 63 -17.27 -7.35 18.15
N VAL B 64 -16.89 -6.42 17.25
CA VAL B 64 -15.67 -5.63 17.45
C VAL B 64 -15.97 -4.13 17.45
N PRO B 65 -16.51 -3.65 18.57
CA PRO B 65 -17.06 -2.30 18.59
C PRO B 65 -16.01 -1.21 18.33
N ASP B 66 -14.72 -1.45 18.57
CA ASP B 66 -13.71 -0.39 18.37
C ASP B 66 -12.99 -0.43 17.00
N TYR B 67 -13.45 -1.27 16.09
CA TYR B 67 -12.74 -1.56 14.83
C TYR B 67 -12.49 -0.31 13.97
N LEU B 68 -13.51 0.51 13.82
CA LEU B 68 -13.41 1.70 12.99
C LEU B 68 -12.69 2.83 13.69
N ASP B 69 -12.32 2.63 14.94
CA ASP B 69 -11.43 3.56 15.63
C ASP B 69 -10.10 3.50 14.95
N HIS B 70 -9.77 2.36 14.37
CA HIS B 70 -8.40 2.09 13.92
C HIS B 70 -8.32 1.82 12.44
N ILE B 71 -9.33 1.15 11.91
CA ILE B 71 -9.40 0.85 10.48
C ILE B 71 -10.35 1.79 9.75
N LYS B 72 -9.77 2.55 8.83
CA LYS B 72 -10.40 3.64 8.10
C LYS B 72 -11.16 3.19 6.84
N HIS B 73 -10.71 2.11 6.22
CA HIS B 73 -11.36 1.58 5.02
C HIS B 73 -11.46 0.06 5.04
N PRO B 74 -12.51 -0.42 5.71
CA PRO B 74 -12.82 -1.83 5.94
C PRO B 74 -13.04 -2.54 4.61
N MET B 75 -12.59 -3.78 4.47
CA MET B 75 -12.81 -4.52 3.23
C MET B 75 -13.02 -5.99 3.56
N ASP B 76 -13.53 -6.74 2.59
CA ASP B 76 -13.87 -8.15 2.77
C ASP B 76 -14.28 -8.71 1.41
N PHE B 77 -14.28 -10.03 1.25
CA PHE B 77 -14.59 -10.67 -0.04
C PHE B 77 -16.00 -10.38 -0.61
N ALA B 78 -16.98 -10.17 0.25
CA ALA B 78 -18.35 -9.97 -0.22
C ALA B 78 -18.46 -8.60 -0.87
N THR B 79 -17.87 -7.60 -0.23
CA THR B 79 -17.77 -6.25 -0.74
C THR B 79 -16.98 -6.19 -2.07
N MET B 80 -15.92 -6.98 -2.17
CA MET B 80 -15.19 -7.07 -3.43
C MET B 80 -16.07 -7.70 -4.48
N ARG B 81 -16.87 -8.68 -4.09
CA ARG B 81 -17.62 -9.41 -5.10
C ARG B 81 -18.73 -8.53 -5.67
N LYS B 82 -19.26 -7.66 -4.81
CA LYS B 82 -20.39 -6.80 -5.16
C LYS B 82 -19.90 -5.80 -6.21
N ARG B 83 -18.75 -5.19 -5.92
CA ARG B 83 -18.05 -4.31 -6.85
C ARG B 83 -17.67 -4.99 -8.16
N LEU B 84 -17.13 -6.21 -8.09
CA LEU B 84 -16.76 -6.96 -9.28
C LEU B 84 -17.92 -7.12 -10.23
N GLU B 85 -19.02 -7.63 -9.70
CA GLU B 85 -20.23 -7.92 -10.45
C GLU B 85 -20.91 -6.65 -10.94
N ALA B 86 -20.62 -5.53 -10.27
CA ALA B 86 -21.16 -4.23 -10.67
C ALA B 86 -20.30 -3.52 -11.70
N GLN B 87 -19.28 -4.20 -12.25
CA GLN B 87 -18.40 -3.57 -13.24
C GLN B 87 -17.53 -2.49 -12.62
N GLY B 88 -17.20 -2.68 -11.36
CA GLY B 88 -16.59 -1.64 -10.59
C GLY B 88 -15.07 -1.63 -10.60
N TYR B 89 -14.46 -2.73 -11.01
CA TYR B 89 -13.01 -2.77 -11.19
C TYR B 89 -12.67 -2.49 -12.67
N LYS B 90 -11.87 -1.44 -12.88
CA LYS B 90 -11.47 -1.02 -14.22
C LYS B 90 -10.29 -1.83 -14.72
N ASN B 91 -9.49 -2.33 -13.77
CA ASN B 91 -8.34 -3.12 -14.14
C ASN B 91 -7.95 -4.03 -12.97
N LEU B 92 -7.06 -4.97 -13.23
CA LEU B 92 -6.53 -5.83 -12.19
C LEU B 92 -5.95 -5.06 -11.01
N HIS B 93 -5.36 -3.90 -11.29
CA HIS B 93 -4.71 -3.15 -10.23
C HIS B 93 -5.72 -2.73 -9.14
N GLU B 94 -6.89 -2.26 -9.56
CA GLU B 94 -7.93 -1.82 -8.60
C GLU B 94 -8.42 -2.97 -7.72
N PHE B 95 -8.47 -4.16 -8.31
CA PHE B 95 -8.89 -5.36 -7.64
C PHE B 95 -7.82 -5.72 -6.60
N GLU B 96 -6.55 -5.65 -7.02
CA GLU B 96 -5.42 -5.93 -6.12
CA GLU B 96 -5.40 -5.91 -6.13
C GLU B 96 -5.38 -5.00 -4.92
N GLU B 97 -5.78 -3.74 -5.09
CA GLU B 97 -5.76 -2.82 -3.95
C GLU B 97 -6.79 -3.18 -2.86
N ASP B 98 -7.97 -3.63 -3.27
CA ASP B 98 -8.98 -4.07 -2.30
C ASP B 98 -8.47 -5.31 -1.58
N PHE B 99 -7.84 -6.23 -2.33
CA PHE B 99 -7.32 -7.45 -1.66
C PHE B 99 -6.26 -7.07 -0.63
N ASP B 100 -5.34 -6.19 -1.04
CA ASP B 100 -4.32 -5.72 -0.10
C ASP B 100 -4.97 -5.11 1.14
N LEU B 101 -6.03 -4.32 0.94
CA LEU B 101 -6.73 -3.73 2.07
C LEU B 101 -7.22 -4.81 3.06
N ILE B 102 -7.83 -5.88 2.56
CA ILE B 102 -8.26 -6.98 3.46
C ILE B 102 -7.07 -7.45 4.34
N ILE B 103 -5.95 -7.78 3.71
CA ILE B 103 -4.74 -8.22 4.40
C ILE B 103 -4.15 -7.17 5.35
N ASP B 104 -3.96 -5.94 4.88
CA ASP B 104 -3.32 -4.88 5.67
C ASP B 104 -4.17 -4.51 6.85
N ASN B 105 -5.49 -4.36 6.62
CA ASN B 105 -6.43 -4.06 7.70
C ASN B 105 -6.29 -5.09 8.82
N CYS B 106 -6.17 -6.34 8.43
CA CYS B 106 -6.14 -7.42 9.43
C CYS B 106 -4.82 -7.41 10.22
N MET B 107 -3.73 -7.24 9.51
CA MET B 107 -2.40 -7.16 10.14
C MET B 107 -2.27 -5.92 11.00
N LYS B 108 -2.94 -4.85 10.59
CA LYS B 108 -2.91 -3.61 11.38
CA LYS B 108 -2.94 -3.60 11.35
C LYS B 108 -3.73 -3.76 12.67
N TYR B 109 -4.90 -4.36 12.58
CA TYR B 109 -5.80 -4.43 13.74
C TYR B 109 -5.35 -5.44 14.81
N ASN B 110 -4.88 -6.59 14.34
CA ASN B 110 -4.44 -7.68 15.22
C ASN B 110 -2.93 -7.69 15.50
N ALA B 111 -2.58 -8.17 16.68
CA ALA B 111 -1.20 -8.41 17.07
C ALA B 111 -0.60 -9.55 16.26
N ARG B 112 0.72 -9.55 16.02
CA ARG B 112 1.34 -10.61 15.21
C ARG B 112 1.02 -12.01 15.72
N ASP B 113 1.20 -12.17 17.02
CA ASP B 113 1.04 -13.47 17.64
C ASP B 113 -0.45 -13.79 17.84
N THR B 114 -1.23 -13.86 16.74
CA THR B 114 -2.68 -14.18 16.82
C THR B 114 -3.10 -15.06 15.64
N VAL B 115 -4.23 -15.74 15.73
CA VAL B 115 -4.63 -16.63 14.64
C VAL B 115 -5.08 -15.79 13.45
N PHE B 116 -5.65 -14.62 13.71
N PHE B 116 -5.63 -14.62 13.69
CA PHE B 116 -6.13 -13.77 12.63
CA PHE B 116 -6.13 -13.83 12.57
C PHE B 116 -4.97 -13.15 11.85
C PHE B 116 -5.01 -13.07 11.82
N TYR B 117 -3.98 -12.61 12.54
CA TYR B 117 -2.79 -12.04 11.87
C TYR B 117 -2.07 -13.09 11.00
N ARG B 118 -1.80 -14.25 11.58
CA ARG B 118 -1.23 -15.37 10.82
C ARG B 118 -2.09 -15.79 9.60
N ALA B 119 -3.42 -15.80 9.73
CA ALA B 119 -4.26 -16.10 8.57
C ALA B 119 -4.06 -15.06 7.44
N ALA B 120 -3.93 -13.78 7.81
CA ALA B 120 -3.78 -12.71 6.81
C ALA B 120 -2.45 -12.86 6.07
N VAL B 121 -1.42 -13.27 6.82
CA VAL B 121 -0.06 -13.46 6.28
C VAL B 121 -0.07 -14.68 5.36
N ARG B 122 -0.78 -15.72 5.78
CA ARG B 122 -0.91 -16.94 4.98
C ARG B 122 -1.61 -16.64 3.65
N LEU B 123 -2.79 -16.05 3.75
CA LEU B 123 -3.57 -15.61 2.60
C LEU B 123 -2.80 -14.62 1.72
N ARG B 124 -2.02 -13.72 2.34
CA ARG B 124 -1.22 -12.81 1.55
C ARG B 124 -0.28 -13.56 0.60
N ASP B 125 0.42 -14.57 1.13
CA ASP B 125 1.42 -15.31 0.35
C ASP B 125 0.74 -16.09 -0.75
N GLN B 126 -0.25 -16.90 -0.38
CA GLN B 126 -1.00 -17.64 -1.36
C GLN B 126 -1.63 -16.74 -2.41
N GLY B 127 -2.06 -15.55 -2.00
CA GLY B 127 -2.70 -14.62 -2.92
C GLY B 127 -1.71 -13.97 -3.84
N GLY B 128 -0.48 -13.78 -3.35
CA GLY B 128 0.59 -13.29 -4.20
C GLY B 128 0.75 -14.16 -5.42
N VAL B 129 0.78 -15.47 -5.22
CA VAL B 129 0.91 -16.38 -6.34
C VAL B 129 -0.28 -16.31 -7.31
N VAL B 130 -1.49 -16.20 -6.79
CA VAL B 130 -2.66 -16.20 -7.66
C VAL B 130 -2.60 -14.93 -8.49
N LEU B 131 -2.21 -13.84 -7.84
CA LEU B 131 -2.29 -12.53 -8.48
C LEU B 131 -1.18 -12.37 -9.52
N ARG B 132 -0.05 -13.01 -9.27
CA ARG B 132 1.04 -12.91 -10.24
C ARG B 132 0.64 -13.68 -11.49
N GLN B 133 -0.06 -14.79 -11.30
CA GLN B 133 -0.56 -15.58 -12.41
C GLN B 133 -1.61 -14.77 -13.17
N ALA B 134 -2.33 -13.94 -12.43
CA ALA B 134 -3.36 -13.07 -12.99
C ALA B 134 -2.73 -11.98 -13.84
N ARG B 135 -1.62 -11.43 -13.37
CA ARG B 135 -0.91 -10.43 -14.15
C ARG B 135 -0.44 -11.03 -15.49
N ARG B 136 0.09 -12.25 -15.47
CA ARG B 136 0.50 -12.91 -16.72
C ARG B 136 -0.68 -13.05 -17.66
N GLU B 137 -1.84 -13.45 -17.13
CA GLU B 137 -3.03 -13.65 -17.96
C GLU B 137 -3.51 -12.35 -18.59
N VAL B 138 -3.56 -11.30 -17.79
CA VAL B 138 -3.88 -9.96 -18.27
C VAL B 138 -3.02 -9.61 -19.49
N ASP B 139 -1.72 -9.87 -19.40
CA ASP B 139 -0.82 -9.59 -20.51
C ASP B 139 -1.09 -10.52 -21.69
N SER B 140 -1.17 -11.83 -21.42
CA SER B 140 -1.52 -12.81 -22.44
C SER B 140 -2.82 -12.41 -23.18
N ILE B 141 -3.86 -12.04 -22.45
CA ILE B 141 -5.16 -11.83 -23.09
C ILE B 141 -5.26 -10.46 -23.78
N GLY B 142 -4.55 -9.47 -23.23
CA GLY B 142 -4.51 -8.13 -23.81
C GLY B 142 -5.51 -7.18 -23.15
N LEU B 143 -5.80 -7.42 -21.87
CA LEU B 143 -6.86 -6.69 -21.18
C LEU B 143 -6.51 -5.21 -21.01
N GLU B 144 -5.24 -4.93 -20.74
CA GLU B 144 -4.77 -3.55 -20.82
C GLU B 144 -4.12 -3.29 -22.19
#